data_6HM6
#
_entry.id   6HM6
#
_cell.length_a   39.437
_cell.length_b   84.982
_cell.length_c   40.277
_cell.angle_alpha   90.000
_cell.angle_beta   100.500
_cell.angle_gamma   90.000
#
_symmetry.space_group_name_H-M   'P 1 21 1'
#
loop_
_entity.id
_entity.type
_entity.pdbx_description
1 polymer 'SPLEEN TYROSINE KINASE'
2 non-polymer 2-(4-methylphenyl)-3-(pyridin-2-ylmethoxy)pyridine
3 non-polymer GLYCEROL
4 water water
#
_entity_poly.entity_id   1
_entity_poly.type   'polypeptide(L)'
_entity_poly.pdbx_seq_one_letter_code
;PKEVYLDRKLLTLEDKELGSGNFGTVKKGYYQMKKVVKTVAVKILKNEANDPALKDELLAEANVMQQLDNPYIVRMIGIC
EAESWMLVMEMAELGPLNKYLQQNRHVKDKNIIELVHQVSMGMKYLEESNFVHRDLAARNVLLVTQHYAKISDFGLSKAL
RADEN(PTR)YKAQTHGKWPVKWYAPECINYYKFSSKSDVWSFGVLMWEAFSYGQKPYRGMKGSEVTAMLEKGERMGCPA
GCPREMYDLMNLCWTYDVENRPGFAAVELRLRNYYYDVVN
;
_entity_poly.pdbx_strand_id   A
#
# COMPACT_ATOMS: atom_id res chain seq x y z
N TYR A 5 23.76 10.14 -2.14
CA TYR A 5 24.11 8.91 -1.37
C TYR A 5 24.39 9.21 0.11
N LEU A 6 23.87 8.36 0.99
CA LEU A 6 24.03 8.54 2.42
C LEU A 6 25.39 8.04 2.87
N ASP A 7 25.88 8.65 3.95
CA ASP A 7 27.18 8.35 4.54
C ASP A 7 26.99 7.25 5.58
N ARG A 8 27.66 6.11 5.40
CA ARG A 8 27.56 4.96 6.31
C ARG A 8 27.98 5.29 7.76
N LYS A 9 28.90 6.24 7.93
CA LYS A 9 29.34 6.69 9.25
C LYS A 9 28.22 7.36 10.05
N LEU A 10 27.27 7.97 9.35
CA LEU A 10 26.11 8.62 9.97
C LEU A 10 24.95 7.67 10.34
N LEU A 11 24.98 6.42 9.88
CA LEU A 11 23.90 5.43 10.09
C LEU A 11 24.25 4.37 11.15
N THR A 12 23.39 4.22 12.16
CA THR A 12 23.56 3.23 13.22
C THR A 12 22.39 2.25 13.14
N LEU A 13 22.68 0.96 13.07
CA LEU A 13 21.65 -0.07 12.92
C LEU A 13 21.46 -0.90 14.17
N GLU A 14 20.21 -1.16 14.55
CA GLU A 14 19.92 -2.05 15.68
C GLU A 14 20.19 -3.49 15.29
N ASP A 15 20.40 -4.33 16.29
CA ASP A 15 20.87 -5.70 16.09
C ASP A 15 19.84 -6.59 15.39
N LYS A 16 18.65 -6.70 15.96
CA LYS A 16 17.60 -7.58 15.42
C LYS A 16 16.77 -6.94 14.31
N GLU A 17 16.21 -7.78 13.46
CA GLU A 17 15.37 -7.36 12.33
C GLU A 17 13.93 -7.12 12.75
N LEU A 18 13.27 -6.16 12.11
CA LEU A 18 11.83 -5.90 12.31
C LEU A 18 11.02 -6.92 11.51
N GLY A 19 11.57 -7.33 10.38
CA GLY A 19 10.99 -8.37 9.55
C GLY A 19 11.99 -8.76 8.47
N SER A 20 11.57 -9.63 7.57
CA SER A 20 12.43 -10.09 6.48
C SER A 20 11.62 -10.58 5.29
N GLY A 21 12.33 -10.85 4.20
CA GLY A 21 11.71 -11.37 2.99
C GLY A 21 12.75 -11.88 2.01
N ASN A 22 12.29 -12.17 0.79
CA ASN A 22 13.14 -12.64 -0.30
C ASN A 22 14.33 -11.70 -0.50
N PHE A 23 14.02 -10.41 -0.60
CA PHE A 23 15.00 -9.31 -0.71
C PHE A 23 16.09 -9.32 0.37
N GLY A 24 15.71 -9.67 1.59
CA GLY A 24 16.61 -9.69 2.74
C GLY A 24 15.88 -9.32 4.01
N THR A 25 16.36 -8.27 4.69
CA THR A 25 15.83 -7.86 6.00
C THR A 25 15.46 -6.38 6.07
N VAL A 26 14.63 -6.07 7.07
CA VAL A 26 14.24 -4.69 7.40
C VAL A 26 14.67 -4.43 8.84
N LYS A 27 15.72 -3.62 9.02
CA LYS A 27 16.25 -3.27 10.35
C LYS A 27 15.92 -1.83 10.74
N LYS A 28 15.77 -1.60 12.04
CA LYS A 28 15.57 -0.26 12.59
C LYS A 28 16.94 0.40 12.64
N GLY A 29 16.95 1.73 12.54
CA GLY A 29 18.20 2.48 12.53
C GLY A 29 18.02 3.94 12.92
N TYR A 30 19.15 4.65 12.98
CA TYR A 30 19.16 6.07 13.33
C TYR A 30 20.18 6.76 12.42
N TYR A 31 19.75 7.80 11.72
CA TYR A 31 20.62 8.54 10.80
C TYR A 31 20.85 9.96 11.34
N GLN A 32 22.11 10.29 11.64
CA GLN A 32 22.48 11.62 12.15
C GLN A 32 22.38 12.64 11.03
N MET A 33 21.60 13.69 11.25
CA MET A 33 21.37 14.75 10.24
C MET A 33 21.82 16.12 10.75
N LYS A 35 22.31 18.02 13.93
CA LYS A 35 22.14 17.95 15.38
C LYS A 35 20.99 17.04 15.82
N VAL A 36 19.95 16.95 14.98
CA VAL A 36 18.76 16.12 15.28
C VAL A 36 18.85 14.75 14.58
N VAL A 37 18.87 13.69 15.39
CA VAL A 37 18.98 12.30 14.91
C VAL A 37 17.60 11.76 14.54
N LYS A 38 17.47 11.23 13.33
CA LYS A 38 16.19 10.69 12.84
C LYS A 38 16.14 9.16 12.85
N THR A 39 15.08 8.61 13.44
CA THR A 39 14.84 7.17 13.47
C THR A 39 14.45 6.73 12.06
N VAL A 40 15.07 5.63 11.57
CA VAL A 40 14.83 5.14 10.22
C VAL A 40 14.63 3.62 10.09
N ALA A 41 13.91 3.23 9.04
CA ALA A 41 13.74 1.83 8.64
C ALA A 41 14.65 1.61 7.44
N VAL A 42 15.35 0.48 7.42
CA VAL A 42 16.36 0.23 6.39
C VAL A 42 16.16 -1.14 5.75
N LYS A 43 16.01 -1.13 4.43
CA LYS A 43 15.86 -2.35 3.64
C LYS A 43 17.26 -2.77 3.18
N ILE A 44 17.77 -3.85 3.78
CA ILE A 44 19.13 -4.35 3.53
C ILE A 44 19.09 -5.64 2.69
N LEU A 45 19.78 -5.65 1.56
CA LEU A 45 19.77 -6.81 0.65
C LEU A 45 20.54 -8.02 1.20
N ASP A 51 23.77 -10.84 -8.18
CA ASP A 51 22.33 -10.89 -8.44
C ASP A 51 21.81 -9.48 -8.77
N PRO A 52 21.96 -9.04 -10.03
CA PRO A 52 21.45 -7.72 -10.43
C PRO A 52 19.91 -7.55 -10.47
N ALA A 53 19.13 -8.61 -10.21
CA ALA A 53 17.66 -8.53 -10.17
C ALA A 53 17.19 -7.73 -8.96
N LEU A 54 17.72 -8.06 -7.78
CA LEU A 54 17.39 -7.34 -6.54
C LEU A 54 17.87 -5.89 -6.60
N LYS A 55 19.01 -5.65 -7.24
CA LYS A 55 19.55 -4.30 -7.46
C LYS A 55 18.57 -3.40 -8.21
N ASP A 56 18.12 -3.88 -9.37
CA ASP A 56 17.20 -3.13 -10.23
C ASP A 56 15.86 -2.84 -9.55
N GLU A 57 15.39 -3.78 -8.73
CA GLU A 57 14.13 -3.63 -8.00
C GLU A 57 14.24 -2.62 -6.84
N LEU A 58 15.34 -2.66 -6.10
CA LEU A 58 15.59 -1.70 -5.03
C LEU A 58 15.85 -0.30 -5.60
N LEU A 59 16.56 -0.24 -6.72
CA LEU A 59 16.82 1.02 -7.43
C LEU A 59 15.53 1.63 -7.99
N ALA A 60 14.67 0.79 -8.57
CA ALA A 60 13.43 1.27 -9.18
C ALA A 60 12.43 1.78 -8.12
N GLU A 61 12.40 1.09 -6.97
CA GLU A 61 11.63 1.52 -5.81
C GLU A 61 12.17 2.85 -5.26
N ALA A 62 13.50 2.95 -5.16
CA ALA A 62 14.16 4.19 -4.76
C ALA A 62 13.81 5.33 -5.71
N ASN A 63 13.81 5.05 -7.02
CA ASN A 63 13.53 6.08 -8.03
C ASN A 63 12.07 6.53 -8.00
N VAL A 64 11.15 5.64 -7.64
CA VAL A 64 9.75 6.04 -7.46
C VAL A 64 9.61 6.89 -6.20
N MET A 65 10.13 6.41 -5.07
CA MET A 65 10.02 7.16 -3.80
C MET A 65 10.67 8.55 -3.83
N GLN A 66 11.77 8.70 -4.56
CA GLN A 66 12.42 10.01 -4.75
C GLN A 66 11.48 11.07 -5.34
N GLN A 67 10.67 10.65 -6.30
CA GLN A 67 9.72 11.54 -6.99
C GLN A 67 8.46 11.84 -6.18
N LEU A 68 8.24 11.12 -5.07
CA LEU A 68 7.04 11.30 -4.25
C LEU A 68 7.31 12.14 -3.02
N ASP A 69 6.35 13.01 -2.73
CA ASP A 69 6.39 13.93 -1.61
C ASP A 69 4.94 14.14 -1.19
N ASN A 70 4.53 13.47 -0.11
CA ASN A 70 3.16 13.55 0.42
C ASN A 70 3.17 13.03 1.86
N PRO A 71 2.34 13.60 2.75
CA PRO A 71 2.36 13.12 4.13
C PRO A 71 1.88 11.68 4.36
N TYR A 72 1.07 11.14 3.45
CA TYR A 72 0.52 9.78 3.61
C TYR A 72 1.24 8.71 2.76
N ILE A 73 2.47 9.01 2.34
CA ILE A 73 3.36 8.10 1.60
C ILE A 73 4.70 8.11 2.33
N VAL A 74 5.22 6.92 2.64
CA VAL A 74 6.50 6.78 3.34
C VAL A 74 7.57 7.53 2.55
N ARG A 75 8.38 8.33 3.25
CA ARG A 75 9.41 9.13 2.63
C ARG A 75 10.74 8.37 2.63
N MET A 76 11.48 8.51 1.55
CA MET A 76 12.80 7.95 1.40
C MET A 76 13.82 8.98 1.86
N ILE A 77 14.77 8.57 2.70
CA ILE A 77 15.86 9.45 3.12
C ILE A 77 16.93 9.39 2.05
N GLY A 78 17.37 8.17 1.73
CA GLY A 78 18.35 7.96 0.67
C GLY A 78 18.86 6.55 0.60
N ILE A 79 19.92 6.37 -0.19
CA ILE A 79 20.59 5.09 -0.43
C ILE A 79 21.97 5.09 0.24
N CYS A 80 22.38 3.94 0.79
CA CYS A 80 23.68 3.81 1.44
C CYS A 80 24.42 2.52 1.05
N GLU A 81 25.45 2.66 0.22
CA GLU A 81 26.31 1.54 -0.15
C GLU A 81 27.33 1.32 0.95
N ALA A 82 27.35 0.11 1.51
CA ALA A 82 28.31 -0.25 2.57
C ALA A 82 28.57 -1.76 2.48
N GLU A 83 28.52 -2.50 3.58
CA GLU A 83 28.59 -3.97 3.52
C GLU A 83 27.50 -4.55 2.60
N SER A 84 26.37 -3.84 2.52
CA SER A 84 25.29 -4.19 1.60
C SER A 84 24.69 -2.93 0.98
N TRP A 85 23.71 -3.14 0.10
CA TRP A 85 22.91 -2.04 -0.45
C TRP A 85 21.76 -1.77 0.54
N MET A 86 21.52 -0.50 0.83
CA MET A 86 20.53 -0.08 1.82
C MET A 86 19.61 1.02 1.30
N LEU A 87 18.30 0.86 1.54
CA LEU A 87 17.28 1.85 1.20
C LEU A 87 16.73 2.38 2.53
N VAL A 88 17.13 3.60 2.88
CA VAL A 88 16.80 4.21 4.16
C VAL A 88 15.56 5.08 4.03
N MET A 89 14.55 4.79 4.83
CA MET A 89 13.24 5.46 4.79
C MET A 89 12.85 6.01 6.16
N GLU A 90 11.83 6.88 6.19
CA GLU A 90 11.17 7.28 7.44
C GLU A 90 10.69 6.00 8.14
N MET A 91 10.67 6.02 9.47
CA MET A 91 10.23 4.87 10.25
C MET A 91 8.73 4.96 10.53
N ALA A 92 8.00 3.91 10.16
CA ALA A 92 6.58 3.76 10.52
C ALA A 92 6.68 2.76 11.66
N GLU A 93 6.74 3.29 12.88
CA GLU A 93 7.08 2.50 14.08
C GLU A 93 6.14 1.33 14.40
N LEU A 94 4.83 1.54 14.23
CA LEU A 94 3.82 0.51 14.54
C LEU A 94 3.67 -0.59 13.46
N GLY A 95 4.27 -0.41 12.30
CA GLY A 95 4.31 -1.47 11.28
C GLY A 95 3.01 -1.75 10.52
N PRO A 96 2.95 -2.90 9.82
CA PRO A 96 1.83 -3.28 8.94
C PRO A 96 0.44 -3.19 9.56
N LEU A 97 -0.46 -2.48 8.85
CA LEU A 97 -1.83 -2.25 9.30
C LEU A 97 -2.59 -3.54 9.60
N ASN A 98 -2.43 -4.56 8.75
CA ASN A 98 -3.16 -5.82 8.98
C ASN A 98 -2.74 -6.45 10.32
N LYS A 99 -1.43 -6.63 10.52
CA LYS A 99 -0.90 -7.21 11.75
C LYS A 99 -1.27 -6.39 12.99
N TYR A 100 -1.25 -5.06 12.86
CA TYR A 100 -1.67 -4.20 13.97
C TYR A 100 -3.10 -4.51 14.41
N LEU A 101 -4.01 -4.56 13.43
CA LEU A 101 -5.42 -4.87 13.71
C LEU A 101 -5.62 -6.31 14.19
N GLN A 102 -4.84 -7.25 13.66
CA GLN A 102 -4.87 -8.65 14.11
C GLN A 102 -4.61 -8.81 15.63
N GLN A 103 -4.00 -7.79 16.26
CA GLN A 103 -3.68 -7.79 17.69
C GLN A 103 -4.38 -6.68 18.51
N ASN A 104 -5.17 -5.81 17.87
CA ASN A 104 -5.84 -4.68 18.55
C ASN A 104 -7.29 -4.52 18.08
N ARG A 105 -8.19 -5.32 18.65
CA ARG A 105 -9.61 -5.28 18.29
C ARG A 105 -10.39 -4.11 18.93
N HIS A 106 -9.77 -3.42 19.89
CA HIS A 106 -10.41 -2.24 20.54
C HIS A 106 -10.56 -1.03 19.60
N VAL A 107 -9.81 -1.01 18.50
CA VAL A 107 -9.84 0.10 17.55
C VAL A 107 -11.26 0.29 17.05
N LYS A 108 -11.77 1.51 17.21
CA LYS A 108 -13.14 1.83 16.80
C LYS A 108 -13.26 2.00 15.30
N ASP A 109 -14.47 1.84 14.78
CA ASP A 109 -14.75 2.04 13.36
C ASP A 109 -14.45 3.47 12.88
N LYS A 110 -14.57 4.46 13.77
CA LYS A 110 -14.23 5.85 13.43
C LYS A 110 -12.72 6.00 13.19
N ASN A 111 -11.92 5.32 14.01
CA ASN A 111 -10.47 5.30 13.88
C ASN A 111 -10.03 4.58 12.59
N ILE A 112 -10.73 3.50 12.21
CA ILE A 112 -10.42 2.80 10.95
C ILE A 112 -10.78 3.69 9.75
N ILE A 113 -11.87 4.44 9.82
CA ILE A 113 -12.27 5.32 8.72
C ILE A 113 -11.22 6.42 8.51
N GLU A 114 -10.68 6.94 9.61
CA GLU A 114 -9.60 7.95 9.58
C GLU A 114 -8.38 7.42 8.83
N LEU A 115 -7.99 6.20 9.17
CA LEU A 115 -6.85 5.54 8.55
C LEU A 115 -7.08 5.24 7.05
N VAL A 116 -8.22 4.64 6.69
CA VAL A 116 -8.47 4.33 5.26
C VAL A 116 -8.62 5.62 4.43
N HIS A 117 -9.21 6.66 5.03
CA HIS A 117 -9.30 7.97 4.37
C HIS A 117 -7.90 8.54 4.12
N GLN A 118 -7.01 8.36 5.09
CA GLN A 118 -5.63 8.80 4.93
C GLN A 118 -4.94 8.04 3.79
N VAL A 119 -5.22 6.74 3.69
CA VAL A 119 -4.74 5.94 2.54
C VAL A 119 -5.33 6.51 1.24
N SER A 120 -6.62 6.86 1.21
CA SER A 120 -7.23 7.41 -0.01
C SER A 120 -6.64 8.76 -0.44
N MET A 121 -6.20 9.56 0.54
CA MET A 121 -5.56 10.85 0.25
C MET A 121 -4.18 10.63 -0.39
N GLY A 122 -3.43 9.66 0.13
CA GLY A 122 -2.14 9.31 -0.45
C GLY A 122 -2.30 8.80 -1.87
N MET A 123 -3.33 7.98 -2.09
CA MET A 123 -3.64 7.46 -3.42
C MET A 123 -4.19 8.52 -4.39
N LYS A 124 -4.90 9.51 -3.85
N LYS A 124 -4.90 9.52 -3.85
CA LYS A 124 -5.35 10.66 -4.66
CA LYS A 124 -5.35 10.67 -4.65
C LYS A 124 -4.14 11.40 -5.23
C LYS A 124 -4.14 11.39 -5.23
N TYR A 125 -3.10 11.54 -4.40
CA TYR A 125 -1.84 12.17 -4.81
C TYR A 125 -1.07 11.32 -5.82
N LEU A 126 -0.95 10.01 -5.56
CA LEU A 126 -0.36 9.07 -6.55
C LEU A 126 -1.07 9.14 -7.90
N GLU A 127 -2.41 9.18 -7.88
CA GLU A 127 -3.21 9.26 -9.12
C GLU A 127 -2.89 10.55 -9.89
N GLU A 128 -3.00 11.70 -9.21
CA GLU A 128 -2.64 13.00 -9.80
C GLU A 128 -1.19 13.02 -10.32
N SER A 129 -0.26 12.37 -9.58
CA SER A 129 1.15 12.23 -10.04
C SER A 129 1.37 11.19 -11.16
N ASN A 130 0.30 10.53 -11.61
CA ASN A 130 0.36 9.53 -12.67
C ASN A 130 1.29 8.32 -12.38
N PHE A 131 1.22 7.85 -11.13
CA PHE A 131 1.90 6.63 -10.68
C PHE A 131 0.86 5.57 -10.34
N VAL A 132 1.17 4.31 -10.63
CA VAL A 132 0.32 3.17 -10.24
C VAL A 132 1.09 2.37 -9.18
N HIS A 133 0.41 2.02 -8.08
CA HIS A 133 1.07 1.28 -6.99
C HIS A 133 1.23 -0.21 -7.36
N ARG A 134 0.13 -0.85 -7.75
CA ARG A 134 0.07 -2.28 -8.18
C ARG A 134 0.26 -3.35 -7.08
N ASP A 135 0.21 -2.93 -5.83
CA ASP A 135 0.32 -3.83 -4.67
C ASP A 135 -0.28 -3.18 -3.43
N LEU A 136 -1.42 -2.51 -3.61
CA LEU A 136 -2.07 -1.83 -2.50
C LEU A 136 -2.83 -2.90 -1.69
N ALA A 137 -2.40 -3.08 -0.46
CA ALA A 137 -2.99 -4.08 0.44
C ALA A 137 -2.69 -3.61 1.84
N ALA A 138 -3.48 -4.08 2.80
CA ALA A 138 -3.30 -3.72 4.21
C ALA A 138 -1.89 -4.04 4.75
N ARG A 139 -1.25 -5.08 4.24
CA ARG A 139 0.14 -5.39 4.62
C ARG A 139 1.16 -4.30 4.23
N ASN A 140 0.81 -3.47 3.23
CA ASN A 140 1.66 -2.38 2.76
C ASN A 140 1.24 -0.98 3.26
N VAL A 141 0.24 -0.91 4.13
CA VAL A 141 -0.09 0.35 4.80
C VAL A 141 0.54 0.26 6.18
N LEU A 142 1.54 1.11 6.42
CA LEU A 142 2.27 1.17 7.69
C LEU A 142 1.79 2.31 8.56
N LEU A 143 1.71 2.06 9.87
CA LEU A 143 1.22 3.05 10.84
C LEU A 143 2.34 3.79 11.56
N VAL A 144 2.28 5.11 11.53
CA VAL A 144 3.21 5.97 12.28
C VAL A 144 2.71 6.00 13.72
N THR A 145 1.46 6.42 13.88
CA THR A 145 0.73 6.37 15.13
C THR A 145 -0.57 5.61 14.83
N GLN A 146 -1.39 5.37 15.85
CA GLN A 146 -2.69 4.70 15.66
C GLN A 146 -3.66 5.54 14.80
N HIS A 147 -3.40 6.85 14.69
CA HIS A 147 -4.21 7.78 13.88
C HIS A 147 -3.43 8.41 12.69
N TYR A 148 -2.42 7.70 12.18
CA TYR A 148 -1.60 8.23 11.08
C TYR A 148 -0.96 7.08 10.29
N ALA A 149 -1.50 6.83 9.08
CA ALA A 149 -1.04 5.76 8.18
C ALA A 149 -0.27 6.31 6.99
N LYS A 150 0.65 5.50 6.47
CA LYS A 150 1.41 5.81 5.26
C LYS A 150 1.45 4.59 4.33
N ILE A 151 1.49 4.85 3.03
CA ILE A 151 1.58 3.82 1.99
C ILE A 151 3.04 3.46 1.78
N SER A 152 3.30 2.17 1.63
CA SER A 152 4.67 1.69 1.48
C SER A 152 4.74 0.67 0.36
N ASP A 153 5.96 0.21 0.13
CA ASP A 153 6.28 -0.83 -0.83
C ASP A 153 5.92 -0.46 -2.27
N PHE A 154 6.85 0.24 -2.91
CA PHE A 154 6.75 0.70 -4.29
C PHE A 154 7.55 -0.16 -5.29
N GLY A 155 7.91 -1.38 -4.89
CA GLY A 155 8.63 -2.32 -5.74
C GLY A 155 7.97 -2.68 -7.06
N LEU A 156 6.63 -2.73 -7.09
CA LEU A 156 5.88 -3.02 -8.32
C LEU A 156 5.27 -1.76 -8.96
N SER A 157 5.63 -0.59 -8.43
CA SER A 157 5.02 0.66 -8.86
C SER A 157 5.61 1.19 -10.17
N LYS A 158 4.79 1.87 -10.95
CA LYS A 158 5.18 2.34 -12.29
C LYS A 158 4.75 3.77 -12.50
N ALA A 159 5.69 4.59 -12.98
CA ALA A 159 5.40 5.94 -13.40
C ALA A 159 4.81 5.80 -14.79
N LEU A 160 3.56 6.25 -14.98
CA LEU A 160 2.92 6.18 -16.28
C LEU A 160 3.51 7.21 -17.24
N ARG A 161 3.57 6.84 -18.52
CA ARG A 161 4.04 7.74 -19.57
C ARG A 161 3.01 8.85 -19.74
N ALA A 162 3.47 9.98 -20.25
CA ALA A 162 2.61 11.16 -20.46
C ALA A 162 1.44 10.93 -21.44
N ASP A 163 1.59 9.99 -22.38
CA ASP A 163 0.57 9.72 -23.42
C ASP A 163 -0.41 8.54 -23.15
N GLU A 164 -0.25 7.83 -22.02
CA GLU A 164 -1.09 6.66 -21.70
C GLU A 164 -1.69 6.71 -20.29
N ASN A 165 -2.82 6.02 -20.09
CA ASN A 165 -3.51 5.98 -18.79
C ASN A 165 -3.35 4.65 -18.05
N TYR A 167 -0.49 0.90 -17.47
CA TYR A 167 0.71 0.12 -17.71
C TYR A 167 0.32 -1.30 -18.14
N LYS A 168 0.96 -1.80 -19.18
CA LYS A 168 0.71 -3.12 -19.73
C LYS A 168 1.82 -4.05 -19.21
N ALA A 169 1.48 -4.94 -18.28
CA ALA A 169 2.47 -5.83 -17.65
C ALA A 169 2.81 -7.06 -18.52
N GLN A 170 4.07 -7.47 -18.45
CA GLN A 170 4.56 -8.62 -19.23
C GLN A 170 4.10 -9.94 -18.62
N GLY A 173 6.24 -12.01 -12.64
CA GLY A 173 6.67 -11.75 -11.27
C GLY A 173 5.59 -12.08 -10.24
N LYS A 174 5.60 -11.35 -9.13
CA LYS A 174 4.63 -11.53 -8.04
C LYS A 174 3.22 -11.26 -8.59
N TRP A 175 2.27 -12.10 -8.18
CA TRP A 175 0.91 -12.06 -8.74
C TRP A 175 -0.19 -12.23 -7.66
N PRO A 176 -0.41 -11.19 -6.82
CA PRO A 176 -1.43 -11.22 -5.76
C PRO A 176 -2.85 -11.01 -6.32
N VAL A 177 -3.39 -12.08 -6.91
CA VAL A 177 -4.69 -12.08 -7.63
C VAL A 177 -5.87 -11.56 -6.82
N LYS A 178 -5.87 -11.81 -5.51
CA LYS A 178 -6.98 -11.42 -4.63
C LYS A 178 -7.17 -9.92 -4.46
N TRP A 179 -6.16 -9.12 -4.79
CA TRP A 179 -6.25 -7.64 -4.78
C TRP A 179 -6.35 -7.04 -6.20
N TYR A 180 -6.39 -7.91 -7.23
CA TYR A 180 -6.28 -7.48 -8.63
C TYR A 180 -7.65 -7.38 -9.28
N ALA A 181 -7.82 -6.28 -10.02
CA ALA A 181 -9.08 -5.97 -10.68
C ALA A 181 -9.19 -6.86 -11.90
N PRO A 182 -10.41 -7.11 -12.39
CA PRO A 182 -10.58 -8.05 -13.53
C PRO A 182 -9.75 -7.72 -14.77
N GLU A 183 -9.67 -6.43 -15.13
CA GLU A 183 -8.85 -5.98 -16.27
C GLU A 183 -7.36 -6.31 -16.16
N CYS A 184 -6.86 -6.43 -14.92
CA CYS A 184 -5.48 -6.83 -14.66
C CYS A 184 -5.27 -8.31 -14.94
N ILE A 185 -6.20 -9.14 -14.49
CA ILE A 185 -6.13 -10.60 -14.66
C ILE A 185 -6.38 -10.96 -16.14
N ASN A 186 -7.42 -10.36 -16.72
CA ASN A 186 -7.80 -10.68 -18.11
C ASN A 186 -6.81 -10.11 -19.13
N TYR A 187 -6.56 -8.80 -19.10
CA TYR A 187 -5.72 -8.11 -20.10
C TYR A 187 -4.33 -7.63 -19.65
N TYR A 188 -3.98 -7.84 -18.38
CA TYR A 188 -2.70 -7.38 -17.80
C TYR A 188 -2.54 -5.84 -17.85
N LYS A 189 -3.65 -5.12 -17.69
CA LYS A 189 -3.65 -3.65 -17.74
C LYS A 189 -3.84 -3.05 -16.35
N PHE A 190 -2.86 -2.24 -15.95
CA PHE A 190 -2.83 -1.65 -14.61
C PHE A 190 -2.90 -0.14 -14.71
N SER A 191 -3.89 0.44 -14.04
CA SER A 191 -4.11 1.88 -13.99
C SER A 191 -4.46 2.31 -12.58
N SER A 192 -4.68 3.60 -12.37
CA SER A 192 -5.14 4.07 -11.06
C SER A 192 -6.48 3.46 -10.68
N LYS A 193 -7.32 3.16 -11.68
CA LYS A 193 -8.58 2.44 -11.44
C LYS A 193 -8.36 1.03 -10.88
N SER A 194 -7.33 0.33 -11.34
CA SER A 194 -6.98 -0.97 -10.76
C SER A 194 -6.63 -0.82 -9.26
N ASP A 195 -5.87 0.22 -8.91
CA ASP A 195 -5.49 0.49 -7.52
C ASP A 195 -6.73 0.76 -6.65
N VAL A 196 -7.76 1.32 -7.27
CA VAL A 196 -9.03 1.58 -6.59
C VAL A 196 -9.72 0.26 -6.22
N TRP A 197 -9.66 -0.73 -7.09
CA TRP A 197 -10.19 -2.05 -6.76
C TRP A 197 -9.42 -2.61 -5.55
N SER A 198 -8.09 -2.54 -5.60
CA SER A 198 -7.22 -3.00 -4.51
C SER A 198 -7.53 -2.27 -3.22
N PHE A 199 -7.76 -0.96 -3.32
CA PHE A 199 -8.16 -0.17 -2.18
C PHE A 199 -9.44 -0.73 -1.56
N GLY A 200 -10.39 -1.13 -2.39
CA GLY A 200 -11.64 -1.76 -1.93
C GLY A 200 -11.37 -3.00 -1.08
N VAL A 201 -10.45 -3.84 -1.54
CA VAL A 201 -10.06 -5.04 -0.80
C VAL A 201 -9.38 -4.61 0.49
N LEU A 202 -8.54 -3.58 0.39
CA LEU A 202 -7.84 -3.03 1.54
C LEU A 202 -8.81 -2.58 2.66
N MET A 203 -9.88 -1.91 2.27
CA MET A 203 -10.91 -1.48 3.22
C MET A 203 -11.56 -2.68 3.92
N TRP A 204 -11.95 -3.68 3.13
CA TRP A 204 -12.47 -4.94 3.66
C TRP A 204 -11.53 -5.52 4.70
N GLU A 205 -10.23 -5.52 4.41
CA GLU A 205 -9.22 -6.02 5.33
C GLU A 205 -9.18 -5.22 6.61
N ALA A 206 -9.20 -3.89 6.47
CA ALA A 206 -9.20 -2.98 7.61
C ALA A 206 -10.42 -3.19 8.53
N PHE A 207 -11.62 -3.29 7.94
CA PHE A 207 -12.84 -3.49 8.74
C PHE A 207 -13.02 -4.93 9.24
N SER A 208 -12.21 -5.86 8.74
CA SER A 208 -12.16 -7.24 9.24
C SER A 208 -10.94 -7.48 10.13
N TYR A 209 -10.42 -6.39 10.72
CA TYR A 209 -9.32 -6.43 11.67
C TYR A 209 -8.14 -7.32 11.22
N GLY A 210 -7.73 -7.11 9.97
CA GLY A 210 -6.54 -7.77 9.43
C GLY A 210 -6.67 -9.20 8.94
N GLN A 211 -7.88 -9.71 8.81
CA GLN A 211 -8.09 -11.06 8.26
C GLN A 211 -7.87 -11.04 6.76
N LYS A 212 -7.52 -12.19 6.21
CA LYS A 212 -7.25 -12.34 4.79
C LYS A 212 -8.54 -12.28 3.95
N PRO A 213 -8.47 -11.68 2.74
CA PRO A 213 -9.61 -11.69 1.82
C PRO A 213 -9.76 -13.05 1.14
N TYR A 214 -11.00 -13.34 0.71
CA TYR A 214 -11.35 -14.60 0.03
C TYR A 214 -10.65 -15.83 0.65
N ARG A 215 -10.78 -16.04 1.95
CA ARG A 215 -10.03 -17.15 2.61
C ARG A 215 -10.41 -18.53 2.08
N GLY A 216 -9.41 -19.39 1.96
CA GLY A 216 -9.59 -20.76 1.46
C GLY A 216 -9.68 -20.93 -0.06
N MET A 217 -9.84 -19.82 -0.78
CA MET A 217 -10.07 -19.86 -2.22
C MET A 217 -8.77 -19.69 -3.00
N LYS A 218 -8.69 -20.38 -4.14
CA LYS A 218 -7.58 -20.23 -5.07
C LYS A 218 -7.88 -19.04 -5.98
N GLY A 219 -6.82 -18.46 -6.56
CA GLY A 219 -6.94 -17.31 -7.45
C GLY A 219 -7.98 -17.47 -8.55
N SER A 220 -7.97 -18.64 -9.20
CA SER A 220 -8.95 -18.98 -10.23
C SER A 220 -10.39 -19.03 -9.69
N GLU A 221 -10.54 -19.46 -8.44
CA GLU A 221 -11.85 -19.48 -7.77
C GLU A 221 -12.34 -18.07 -7.36
N VAL A 222 -11.40 -17.15 -7.09
CA VAL A 222 -11.73 -15.75 -6.84
C VAL A 222 -12.23 -15.11 -8.15
N THR A 223 -11.51 -15.36 -9.24
CA THR A 223 -11.89 -14.84 -10.56
C THR A 223 -13.30 -15.30 -11.00
N ALA A 224 -13.61 -16.57 -10.73
CA ALA A 224 -14.92 -17.13 -11.09
C ALA A 224 -16.04 -16.53 -10.24
N MET A 225 -15.77 -16.38 -8.93
CA MET A 225 -16.71 -15.75 -8.00
C MET A 225 -17.05 -14.35 -8.51
N LEU A 226 -16.02 -13.53 -8.76
CA LEU A 226 -16.21 -12.14 -9.22
C LEU A 226 -16.90 -12.02 -10.59
N GLU A 227 -16.59 -12.93 -11.50
CA GLU A 227 -17.23 -12.96 -12.82
C GLU A 227 -18.74 -13.32 -12.76
N LYS A 228 -19.17 -13.95 -11.67
CA LYS A 228 -20.60 -14.19 -11.41
C LYS A 228 -21.28 -13.00 -10.72
N GLY A 229 -20.54 -11.92 -10.47
CA GLY A 229 -21.06 -10.75 -9.79
C GLY A 229 -21.10 -10.91 -8.28
N GLU A 230 -20.38 -11.90 -7.76
CA GLU A 230 -20.34 -12.13 -6.33
C GLU A 230 -19.16 -11.36 -5.73
N ARG A 231 -19.39 -10.77 -4.57
CA ARG A 231 -18.42 -9.97 -3.86
C ARG A 231 -18.35 -10.49 -2.42
N MET A 232 -17.33 -10.05 -1.70
CA MET A 232 -17.19 -10.38 -0.29
C MET A 232 -18.29 -9.67 0.50
N GLY A 233 -18.71 -10.28 1.60
CA GLY A 233 -19.73 -9.72 2.47
C GLY A 233 -19.26 -8.58 3.34
N CYS A 234 -20.20 -7.98 4.06
CA CYS A 234 -19.94 -6.87 4.98
C CYS A 234 -19.29 -7.39 6.27
N PRO A 235 -18.08 -6.89 6.63
CA PRO A 235 -17.47 -7.35 7.89
C PRO A 235 -18.24 -6.89 9.14
N ALA A 236 -18.16 -7.68 10.22
CA ALA A 236 -18.87 -7.37 11.49
C ALA A 236 -18.55 -5.97 11.99
N GLY A 237 -19.59 -5.19 12.27
CA GLY A 237 -19.44 -3.83 12.78
C GLY A 237 -19.10 -2.77 11.74
N CYS A 238 -18.85 -3.17 10.50
CA CYS A 238 -18.50 -2.25 9.43
C CYS A 238 -19.72 -1.42 9.04
N PRO A 239 -19.62 -0.07 9.08
CA PRO A 239 -20.73 0.77 8.64
C PRO A 239 -21.21 0.45 7.21
N ARG A 240 -22.48 0.75 6.93
CA ARG A 240 -23.10 0.51 5.63
C ARG A 240 -22.56 1.44 4.53
N GLU A 241 -22.29 2.70 4.87
CA GLU A 241 -21.76 3.67 3.90
C GLU A 241 -20.36 3.26 3.42
N MET A 242 -19.58 2.66 4.31
CA MET A 242 -18.24 2.16 4.00
C MET A 242 -18.29 0.87 3.19
N TYR A 243 -19.28 0.01 3.45
CA TYR A 243 -19.43 -1.22 2.69
C TYR A 243 -19.93 -0.92 1.26
N ASP A 244 -20.79 0.08 1.12
CA ASP A 244 -21.27 0.50 -0.19
C ASP A 244 -20.16 1.13 -1.02
N LEU A 245 -19.13 1.68 -0.37
CA LEU A 245 -17.94 2.19 -1.06
C LEU A 245 -17.05 1.05 -1.55
N MET A 246 -16.90 0.00 -0.74
CA MET A 246 -16.14 -1.19 -1.15
C MET A 246 -16.72 -1.73 -2.44
N ASN A 247 -18.04 -1.94 -2.47
CA ASN A 247 -18.73 -2.43 -3.71
C ASN A 247 -18.59 -1.48 -4.90
N LEU A 248 -18.53 -0.18 -4.65
CA LEU A 248 -18.27 0.78 -5.72
C LEU A 248 -16.84 0.64 -6.25
N CYS A 249 -15.88 0.39 -5.36
CA CYS A 249 -14.49 0.10 -5.75
C CYS A 249 -14.40 -1.18 -6.58
N TRP A 250 -15.22 -2.16 -6.24
CA TRP A 250 -15.30 -3.43 -6.97
C TRP A 250 -16.29 -3.41 -8.17
N THR A 251 -16.45 -2.25 -8.81
CA THR A 251 -17.14 -2.14 -10.09
C THR A 251 -16.31 -2.91 -11.12
N TYR A 252 -16.95 -3.84 -11.83
CA TYR A 252 -16.28 -4.72 -12.80
C TYR A 252 -15.68 -3.94 -13.98
N ASP A 253 -16.48 -3.07 -14.57
CA ASP A 253 -16.04 -2.30 -15.72
C ASP A 253 -15.23 -1.10 -15.26
N VAL A 254 -13.98 -1.06 -15.70
CA VAL A 254 -13.02 -0.01 -15.35
C VAL A 254 -13.53 1.42 -15.64
N GLU A 255 -14.33 1.57 -16.70
CA GLU A 255 -14.89 2.88 -17.09
C GLU A 255 -15.82 3.44 -16.03
N ASN A 256 -16.75 2.62 -15.55
CA ASN A 256 -17.72 3.04 -14.52
C ASN A 256 -17.14 3.16 -13.11
N ARG A 257 -15.99 2.53 -12.86
CA ARG A 257 -15.39 2.54 -11.51
C ARG A 257 -14.85 3.94 -11.17
N PRO A 258 -15.07 4.39 -9.92
CA PRO A 258 -14.58 5.72 -9.56
C PRO A 258 -13.06 5.78 -9.46
N GLY A 259 -12.55 7.01 -9.56
CA GLY A 259 -11.14 7.34 -9.37
C GLY A 259 -10.94 7.66 -7.91
N PHE A 260 -9.71 7.89 -7.49
CA PHE A 260 -9.44 8.20 -6.07
C PHE A 260 -9.96 9.56 -5.63
N ALA A 261 -10.19 10.48 -6.56
CA ALA A 261 -10.79 11.77 -6.22
C ALA A 261 -12.19 11.57 -5.64
N ALA A 262 -12.99 10.78 -6.36
CA ALA A 262 -14.36 10.46 -5.92
C ALA A 262 -14.39 9.53 -4.71
N VAL A 263 -13.42 8.61 -4.62
CA VAL A 263 -13.28 7.73 -3.46
C VAL A 263 -12.85 8.53 -2.23
N GLU A 264 -11.86 9.41 -2.39
CA GLU A 264 -11.36 10.24 -1.28
C GLU A 264 -12.45 11.18 -0.77
N LEU A 265 -13.19 11.80 -1.70
CA LEU A 265 -14.33 12.65 -1.37
C LEU A 265 -15.39 11.91 -0.53
N ARG A 266 -15.75 10.70 -0.98
CA ARG A 266 -16.73 9.84 -0.28
C ARG A 266 -16.33 9.54 1.17
N LEU A 267 -15.05 9.23 1.39
CA LEU A 267 -14.49 8.95 2.74
C LEU A 267 -14.38 10.21 3.62
N ARG A 268 -14.04 11.33 3.00
CA ARG A 268 -13.93 12.62 3.69
C ARG A 268 -15.28 13.04 4.29
N ASN A 269 -16.29 13.12 3.42
CA ASN A 269 -17.66 13.55 3.78
C ASN A 269 -18.30 12.72 4.89
N TYR A 270 -18.23 11.39 4.77
CA TYR A 270 -18.81 10.49 5.77
C TYR A 270 -18.10 10.62 7.12
N TYR A 271 -16.77 10.73 7.08
CA TYR A 271 -15.94 10.85 8.29
C TYR A 271 -16.30 12.07 9.14
N TYR A 272 -16.48 13.23 8.49
CA TYR A 272 -16.82 14.48 9.18
C TYR A 272 -18.34 14.72 9.38
N ASP A 273 -19.20 13.95 8.69
CA ASP A 273 -20.65 13.98 8.96
C ASP A 273 -20.88 13.17 10.23
#